data_7NPT
#
_entry.id   7NPT
#
_cell.length_a   1.00
_cell.length_b   1.00
_cell.length_c   1.00
_cell.angle_alpha   90.00
_cell.angle_beta   90.00
_cell.angle_gamma   90.00
#
_symmetry.space_group_name_H-M   'P 1'
#
loop_
_entity.id
_entity.type
_entity.pdbx_description
1 polymer 'ESX-5 secretion system protein EccC5'
2 polymer 'ESX-5 secretion system protein EccD5'
#
loop_
_entity_poly.entity_id
_entity_poly.type
_entity_poly.pdbx_seq_one_letter_code
_entity_poly.pdbx_strand_id
1 'polypeptide(L)'
;MKRGFARPTPEKPPVIKPENIVLSTPLSIPPPEGKPWWLIVVGVVVVGLLGGMVAMVFASGSHVFGGIGSIFPLFMMVGI
MMMMFRGMGGGQQQMSRPKLDAMRAQFMLMLDMLRETAQESADSMDANYRWFHPAPNTLAAAVGSPRMWERKPDGKDLNF
GVVRVGVGMTRPEVTWGEPQNMPTDIELEPVTGKALQEFGRYQSVVYNLPKMVSLLVEPWYALVGEREQVLGLMRAIICQ
LAFSHGPDHVQMIVVSSDLDQWDWVKWLPHFGDSRRHDAAGNARMVYTSVREFAAEQAELFAGRGSFTPRHASSSAQTPT
PHTVIIADVDDPQWEYVISAEGVDGVTFFDLTGSSMWTDIPERKLQFDKTGVIEALPRDRDTWMVIDDKAWFFALTDQVS
IAEAEEFAQKLAQWRLAEAYEEIGQRVAHIGARDILSYYGIDDPGNIDFDSLWASRTDTMGRSRLRAPFGNRSDNGELLF
LDMKSLDEGGDGPHGVMSGTTGSGKSTLVRTVIESLMLSHPPEELQFVLADLKGGSAVKPFAGVPHVSRIITDLEEDQAL
MERFLDALWGEIARRKAICDSAGVDDAKEYNSVRARMRARGQDMAPLPMLVVVIDEFYEWFRIMPTAVDVLDSIGRQGRA
YWIHLMMASQTIESRAEKLMENMGYRLVLKARTAGAAQAAGVPNAVNLPAQAGLGYFRKSLEDIIRFQAEFLWRDYFQPG
VSIDGEEAPALVHSIDYIRPQLFTNSFTPLEVSVGGPDIEPVVAQPNGEVLESDDIEGGEDEDEEGVRTPKVGTVIIDQL
RKIKFEPYRLWQPPLTQPVAIDDLVNRFLGRPWHKEYGSACNLVFPIGIIDRPYKHDQPPWTVDTSGPGANVLILGAGGS
GKTTALQTLICSAALTHTPQQVQFYCLAYSSTALTTVSRIPHVGEVAGPTDPYGVRRTVAELLALVRERKRSFLECGIAS
MEMFRRRKFGGEAGPVPDDGFGDVYLVIDNYRALAEENEVLIEQVNVIINQGPSFGVHVVVTADRESELRPPVRSGFGSR
IELRLAAVEDAKLVRSRFAKDVPVKPGRGMVAVNYVRLDSDPQAGLHTLVARPALGSTPDNVFECDSVVAAVSRLTSAQA
PPVRRLPARFGVEQVRELASRDTRQGVGAGGIAWAISELDLAPVYLNFAENSHLMVTGRRECGRTTTLATIMSEIGRLYA
PGASSAPPPAPGRPSAQVWLVDPRRQLLTALGSDYVERFAYNLDGVVAMMGELAAALAGREPPPGLSAEELLSRSWWSGP
EIFLIVDDIQQLPPGFDSPLHKAVPFVNRAADVGLHVIVTRTFGGWSSAGSDPMLRALHQANAPLLVMDADPDEGFIRGK
MKGGPLPRGRGLLMAEDTGVFVQVAATEVRR
;
C1
2 'polypeptide(L)'
;MTAVADAPQADIEGVASPQAVVVGVMAGEGVQIGVLLDANAPVSVMTDPLLKVVNSRLRELGEAPLEATGRGRWALCLVD
GAPLRATQSLTEQDVYDGDRLWIRFIADTERRSQVIEHISTAVASDLSKRFARIDPIVAVQVGASMVATGVVLATGVLGW
WRWHHNTWLTTIYTAVIGVLVLAVAMLLLMRAKTDADRRVADIMLMSAIMPVTVAAAAAPPGPVGSPQAVLGFGVLTVAA
ALALRFTGRRLGIYTTIVIIGALTMLAALARMVAATSAVTLLSSLLLICVVAYHAAPALSRRLAGIRLPVFPSATSRWVF
EARPDLPTTVVVSGGSAPVLEGPSSVRDVLLQAERARSFLSGLLTGLGVMVVVCMTSLCDPHTGQRWLPLILAGFTSGFL
LLRGRSYVDRWQSITLAGTAVIIAAAVCVRYALELSSPLAVSIVAAILVLLPAAGMAAAAHVPHTIYSPLFRKFVEWIEY
LCLMPIFPLALWLMNVYAAIRYR
;
D7,D8
#
# COMPACT_ATOMS: atom_id res chain seq x y z
N MET A 1 18.54 -1.06 14.51
CA MET A 1 18.54 -2.51 14.69
C MET A 1 17.23 -3.14 14.23
N LYS A 2 17.37 -4.21 13.45
CA LYS A 2 16.29 -4.83 12.69
C LYS A 2 16.07 -6.28 13.07
N ARG A 3 14.80 -6.68 12.99
CA ARG A 3 14.39 -8.07 13.03
C ARG A 3 14.86 -8.81 11.77
N GLY A 4 15.28 -10.06 11.95
CA GLY A 4 15.44 -10.96 10.82
C GLY A 4 14.11 -11.36 10.17
N PHE A 5 14.23 -11.83 8.93
CA PHE A 5 13.06 -12.31 8.19
C PHE A 5 13.53 -13.29 7.13
N ALA A 6 13.15 -14.56 7.27
CA ALA A 6 13.37 -15.57 6.23
C ALA A 6 12.06 -15.83 5.51
N ARG A 7 12.10 -15.76 4.16
CA ARG A 7 10.89 -15.97 3.36
C ARG A 7 10.65 -17.44 3.05
N PRO A 8 9.42 -17.93 3.20
CA PRO A 8 9.12 -19.35 3.01
C PRO A 8 9.06 -19.70 1.53
N THR A 9 8.76 -20.96 1.25
CA THR A 9 8.16 -21.30 -0.03
C THR A 9 6.82 -20.56 -0.17
N PRO A 10 6.54 -19.97 -1.34
CA PRO A 10 5.29 -19.22 -1.47
C PRO A 10 4.07 -20.05 -1.10
N GLU A 11 3.06 -19.39 -0.56
CA GLU A 11 1.72 -19.98 -0.51
C GLU A 11 1.18 -20.17 -1.93
N LYS A 12 0.40 -21.23 -2.13
CA LYS A 12 -0.15 -21.55 -3.46
C LYS A 12 -1.21 -20.55 -3.94
N PRO A 13 -1.04 -19.94 -5.11
CA PRO A 13 -2.01 -18.97 -5.61
C PRO A 13 -3.28 -19.63 -6.12
N PRO A 14 -4.42 -18.93 -6.05
CA PRO A 14 -5.67 -19.49 -6.57
C PRO A 14 -5.61 -19.63 -8.10
N VAL A 15 -5.75 -20.86 -8.57
CA VAL A 15 -5.61 -21.20 -9.99
C VAL A 15 -6.73 -20.64 -10.86
N ILE A 16 -6.33 -20.08 -12.02
CA ILE A 16 -7.21 -19.55 -13.06
C ILE A 16 -7.58 -20.70 -13.99
N LYS A 17 -8.84 -20.78 -14.40
CA LYS A 17 -9.27 -21.85 -15.31
C LYS A 17 -9.75 -21.30 -16.65
N PRO A 18 -9.08 -21.62 -17.75
CA PRO A 18 -9.52 -21.15 -19.07
C PRO A 18 -10.82 -21.81 -19.51
N GLU A 19 -11.40 -21.25 -20.58
CA GLU A 19 -12.64 -21.80 -21.13
C GLU A 19 -12.66 -21.52 -22.63
N ASN A 20 -12.61 -22.57 -23.45
CA ASN A 20 -12.72 -22.45 -24.90
C ASN A 20 -14.18 -22.71 -25.27
N ILE A 21 -14.90 -21.67 -25.71
CA ILE A 21 -16.35 -21.73 -25.83
C ILE A 21 -16.76 -21.35 -27.24
N VAL A 22 -17.63 -22.16 -27.85
CA VAL A 22 -18.15 -21.89 -29.19
C VAL A 22 -19.58 -21.40 -29.09
N LEU A 23 -19.86 -20.24 -29.67
CA LEU A 23 -21.08 -19.51 -29.39
C LEU A 23 -22.31 -20.20 -29.97
N SER A 24 -23.47 -19.79 -29.48
CA SER A 24 -24.79 -20.15 -30.00
C SER A 24 -24.99 -19.55 -31.39
N THR A 25 -25.06 -20.39 -32.43
CA THR A 25 -25.34 -19.88 -33.78
C THR A 25 -26.77 -19.37 -33.87
N PRO A 26 -27.00 -18.14 -34.34
CA PRO A 26 -28.34 -17.56 -34.24
C PRO A 26 -29.39 -18.36 -34.98
N LEU A 27 -30.64 -18.11 -34.60
CA LEU A 27 -31.79 -18.50 -35.41
C LEU A 27 -31.81 -17.80 -36.76
N SER A 28 -32.16 -18.55 -37.81
CA SER A 28 -32.26 -18.03 -39.16
C SER A 28 -33.72 -17.98 -39.56
N ILE A 29 -34.15 -16.86 -40.15
CA ILE A 29 -35.55 -16.70 -40.51
C ILE A 29 -35.83 -17.27 -41.90
N ARG A 97 -45.92 -19.84 -35.19
CA ARG A 97 -45.73 -18.86 -34.12
C ARG A 97 -45.50 -19.56 -32.78
N PRO A 98 -46.38 -20.50 -32.40
CA PRO A 98 -46.22 -21.13 -31.08
C PRO A 98 -44.99 -22.00 -31.01
N LYS A 99 -44.43 -22.37 -32.15
CA LYS A 99 -43.20 -23.14 -32.26
C LYS A 99 -41.96 -22.28 -32.06
N LEU A 100 -41.96 -21.10 -32.69
CA LEU A 100 -40.79 -20.22 -32.78
C LEU A 100 -40.40 -19.58 -31.45
N ASP A 101 -41.37 -19.29 -30.58
CA ASP A 101 -41.05 -18.91 -29.22
C ASP A 101 -40.28 -20.00 -28.48
N ALA A 102 -40.69 -21.26 -28.62
CA ALA A 102 -39.95 -22.34 -27.99
C ALA A 102 -38.52 -22.42 -28.52
N MET A 103 -38.33 -22.12 -29.80
CA MET A 103 -37.00 -22.01 -30.39
C MET A 103 -36.22 -20.83 -29.81
N ARG A 104 -36.84 -19.65 -29.77
CA ARG A 104 -36.22 -18.47 -29.16
C ARG A 104 -35.87 -18.71 -27.69
N ALA A 105 -36.82 -19.21 -26.89
CA ALA A 105 -36.64 -19.39 -25.45
C ALA A 105 -35.55 -20.39 -25.11
N GLN A 106 -35.38 -21.42 -25.93
CA GLN A 106 -34.26 -22.33 -25.76
C GLN A 106 -32.92 -21.63 -26.02
N PHE A 107 -32.86 -20.77 -27.02
CA PHE A 107 -31.62 -20.11 -27.38
C PHE A 107 -31.13 -19.21 -26.24
N MET A 108 -32.04 -18.43 -25.68
CA MET A 108 -31.75 -17.62 -24.49
C MET A 108 -31.13 -18.45 -23.37
N LEU A 109 -31.70 -19.61 -23.06
CA LEU A 109 -31.29 -20.41 -21.91
C LEU A 109 -29.94 -21.09 -22.13
N MET A 110 -29.62 -21.50 -23.35
CA MET A 110 -28.24 -21.90 -23.64
C MET A 110 -27.27 -20.77 -23.40
N LEU A 111 -27.69 -19.53 -23.66
CA LEU A 111 -26.83 -18.35 -23.51
C LEU A 111 -26.50 -18.07 -22.05
N ASP A 112 -27.49 -18.18 -21.17
CA ASP A 112 -27.29 -18.03 -19.72
C ASP A 112 -26.31 -19.05 -19.16
N MET A 113 -26.35 -20.29 -19.64
CA MET A 113 -25.37 -21.29 -19.24
C MET A 113 -23.95 -20.98 -19.73
N LEU A 114 -23.79 -20.28 -20.86
CA LEU A 114 -22.47 -19.74 -21.18
C LEU A 114 -22.11 -18.59 -20.23
N ARG A 115 -23.08 -17.78 -19.85
CA ARG A 115 -22.84 -16.71 -18.89
C ARG A 115 -22.31 -17.25 -17.56
N GLU A 116 -22.98 -18.27 -17.01
CA GLU A 116 -22.46 -18.93 -15.80
C GLU A 116 -21.08 -19.51 -16.00
N THR A 117 -20.77 -20.03 -17.19
CA THR A 117 -19.40 -20.48 -17.46
C THR A 117 -18.43 -19.30 -17.46
N ALA A 118 -18.85 -18.16 -17.98
CA ALA A 118 -18.04 -16.95 -17.99
C ALA A 118 -17.81 -16.41 -16.58
N GLN A 119 -18.90 -16.20 -15.83
CA GLN A 119 -18.84 -15.66 -14.47
C GLN A 119 -17.93 -16.47 -13.56
N GLU A 120 -17.96 -17.79 -13.65
CA GLU A 120 -17.06 -18.62 -12.85
C GLU A 120 -15.60 -18.42 -13.23
N SER A 121 -15.30 -18.36 -14.53
CA SER A 121 -13.92 -18.14 -14.97
C SER A 121 -13.43 -16.74 -14.61
N ALA A 122 -14.33 -15.75 -14.67
CA ALA A 122 -14.02 -14.41 -14.22
C ALA A 122 -13.68 -14.36 -12.72
N ASP A 123 -14.43 -15.09 -11.91
CA ASP A 123 -14.15 -15.15 -10.47
C ASP A 123 -12.77 -15.73 -10.18
N SER A 124 -12.31 -16.69 -10.97
CA SER A 124 -10.97 -17.24 -10.75
C SER A 124 -9.89 -16.20 -11.00
N MET A 125 -10.13 -15.27 -11.92
CA MET A 125 -9.19 -14.24 -12.32
C MET A 125 -9.15 -13.10 -11.31
N ASP A 126 -10.30 -12.73 -10.78
CA ASP A 126 -10.37 -11.77 -9.68
C ASP A 126 -9.57 -12.25 -8.48
N ALA A 127 -9.85 -13.46 -8.03
CA ALA A 127 -9.11 -14.03 -6.92
C ALA A 127 -7.61 -14.08 -7.19
N ASN A 128 -7.20 -14.46 -8.40
CA ASN A 128 -5.78 -14.55 -8.72
C ASN A 128 -5.08 -13.19 -8.71
N TYR A 129 -5.66 -12.18 -9.37
CA TYR A 129 -5.02 -10.86 -9.45
C TYR A 129 -5.03 -10.08 -8.13
N ARG A 130 -6.13 -10.07 -7.39
CA ARG A 130 -6.11 -9.46 -6.06
C ARG A 130 -5.10 -10.12 -5.14
N TRP A 131 -4.97 -11.44 -5.23
CA TRP A 131 -4.05 -12.17 -4.37
C TRP A 131 -2.60 -11.76 -4.64
N PHE A 132 -2.29 -11.29 -5.84
CA PHE A 132 -0.98 -10.74 -6.18
C PHE A 132 -0.83 -9.23 -6.07
N HIS A 133 -1.91 -8.45 -6.15
CA HIS A 133 -1.83 -6.98 -6.20
C HIS A 133 -2.92 -6.36 -5.33
N PRO A 134 -2.69 -6.27 -4.03
CA PRO A 134 -3.71 -5.73 -3.11
C PRO A 134 -3.86 -4.22 -3.22
N ALA A 135 -4.94 -3.72 -2.63
CA ALA A 135 -5.09 -2.28 -2.44
C ALA A 135 -4.03 -1.73 -1.49
N PRO A 136 -3.54 -0.51 -1.75
CA PRO A 136 -2.35 -0.01 -1.05
C PRO A 136 -2.52 0.19 0.45
N ASN A 137 -3.73 0.52 0.92
CA ASN A 137 -3.97 0.73 2.35
C ASN A 137 -3.94 -0.56 3.16
N THR A 138 -4.18 -1.70 2.55
CA THR A 138 -4.13 -2.98 3.24
C THR A 138 -2.71 -3.45 3.47
N LEU A 139 -1.73 -2.84 2.82
CA LEU A 139 -0.37 -3.37 2.79
C LEU A 139 0.28 -3.38 4.17
N ALA A 140 -0.05 -2.41 5.01
CA ALA A 140 0.64 -2.26 6.30
C ALA A 140 0.31 -3.42 7.24
N ALA A 141 -0.97 -3.75 7.38
CA ALA A 141 -1.37 -4.88 8.21
C ALA A 141 -0.72 -6.19 7.77
N ALA A 142 -0.56 -6.38 6.46
CA ALA A 142 0.09 -7.56 5.92
C ALA A 142 1.59 -7.63 6.21
N VAL A 143 2.19 -6.58 6.77
CA VAL A 143 3.61 -6.33 6.56
C VAL A 143 4.47 -7.50 7.02
N GLY A 144 4.16 -8.10 8.17
CA GLY A 144 5.02 -9.18 8.66
C GLY A 144 4.89 -10.47 7.87
N SER A 145 3.70 -10.75 7.37
CA SER A 145 3.33 -12.06 6.87
C SER A 145 4.23 -12.51 5.71
N PRO A 146 4.28 -13.82 5.44
CA PRO A 146 5.01 -14.38 4.30
C PRO A 146 4.47 -13.99 2.93
N ARG A 147 3.37 -13.24 2.85
CA ARG A 147 3.02 -12.53 1.62
C ARG A 147 3.97 -11.38 1.32
N MET A 148 4.70 -10.87 2.30
CA MET A 148 5.69 -9.83 2.08
C MET A 148 6.89 -10.38 1.31
N TRP A 149 7.47 -9.53 0.45
CA TRP A 149 8.73 -9.82 -0.26
C TRP A 149 8.71 -11.15 -1.00
N GLU A 150 7.53 -11.46 -1.54
CA GLU A 150 7.19 -12.76 -2.13
C GLU A 150 7.74 -12.91 -3.55
N ARG A 151 7.73 -11.83 -4.33
CA ARG A 151 7.94 -11.91 -5.77
C ARG A 151 9.36 -12.30 -6.14
N LYS A 152 9.49 -13.14 -7.18
CA LYS A 152 10.79 -13.66 -7.59
C LYS A 152 11.16 -13.30 -9.04
N PRO A 153 12.46 -13.14 -9.31
CA PRO A 153 12.93 -12.80 -10.65
C PRO A 153 13.04 -13.96 -11.64
N ASP A 154 13.02 -15.21 -11.18
CA ASP A 154 13.57 -16.34 -11.92
C ASP A 154 12.60 -16.91 -12.95
N GLY A 155 12.28 -16.08 -13.94
CA GLY A 155 11.73 -16.55 -15.20
C GLY A 155 10.28 -16.96 -15.21
N LYS A 156 9.86 -17.75 -14.23
CA LYS A 156 8.51 -18.27 -14.27
C LYS A 156 7.52 -17.25 -13.72
N ASP A 157 7.94 -16.42 -12.79
CA ASP A 157 7.06 -15.45 -12.15
C ASP A 157 6.73 -14.35 -13.15
N LEU A 158 5.46 -14.30 -13.56
CA LEU A 158 4.99 -13.32 -14.54
C LEU A 158 4.83 -11.91 -13.97
N ASN A 159 4.78 -11.76 -12.66
CA ASN A 159 4.45 -10.49 -12.00
C ASN A 159 5.65 -9.71 -11.50
N PHE A 160 6.87 -10.23 -11.64
CA PHE A 160 8.05 -9.42 -11.42
C PHE A 160 8.02 -8.18 -12.31
N GLY A 161 8.39 -7.04 -11.73
CA GLY A 161 8.33 -5.77 -12.42
C GLY A 161 6.96 -5.22 -12.73
N VAL A 162 5.89 -5.82 -12.22
CA VAL A 162 4.54 -5.36 -12.49
C VAL A 162 3.99 -4.73 -11.22
N VAL A 163 3.40 -3.55 -11.36
CA VAL A 163 2.96 -2.73 -10.24
C VAL A 163 1.54 -2.25 -10.47
N ARG A 164 0.74 -2.30 -9.42
CA ARG A 164 -0.64 -1.85 -9.46
C ARG A 164 -0.68 -0.33 -9.49
N VAL A 165 -1.35 0.24 -10.49
CA VAL A 165 -1.51 1.68 -10.61
C VAL A 165 -2.95 2.11 -10.37
N GLY A 166 -3.87 1.17 -10.22
CA GLY A 166 -5.26 1.52 -10.06
C GLY A 166 -6.14 0.32 -10.37
N VAL A 167 -7.40 0.61 -10.69
CA VAL A 167 -8.38 -0.37 -11.11
C VAL A 167 -8.99 0.00 -12.46
N GLY A 168 -9.40 -1.01 -13.21
CA GLY A 168 -9.97 -0.77 -14.52
C GLY A 168 -10.42 -2.03 -15.21
N MET A 169 -10.50 -1.98 -16.53
CA MET A 169 -10.95 -3.09 -17.36
C MET A 169 -9.84 -4.06 -17.77
N THR A 170 -10.20 -5.33 -17.90
CA THR A 170 -9.31 -6.33 -18.51
C THR A 170 -10.16 -7.40 -19.20
N ARG A 171 -9.52 -8.14 -20.14
CA ARG A 171 -10.21 -9.02 -21.09
C ARG A 171 -10.22 -10.49 -20.62
N PRO A 172 -11.35 -11.16 -20.52
CA PRO A 172 -11.42 -12.41 -19.77
C PRO A 172 -10.59 -13.52 -20.43
N GLU A 173 -10.36 -14.58 -19.65
CA GLU A 173 -9.66 -15.76 -20.13
C GLU A 173 -10.54 -16.73 -20.92
N VAL A 174 -11.82 -16.43 -21.10
CA VAL A 174 -12.59 -17.06 -22.17
C VAL A 174 -12.03 -16.67 -23.53
N THR A 175 -12.13 -17.60 -24.49
CA THR A 175 -11.71 -17.37 -25.87
C THR A 175 -12.79 -17.85 -26.83
N TRP A 176 -13.64 -16.93 -27.27
CA TRP A 176 -14.92 -17.22 -27.92
C TRP A 176 -14.76 -17.61 -29.39
N GLY A 177 -15.43 -18.68 -29.79
CA GLY A 177 -15.42 -19.14 -31.19
C GLY A 177 -16.61 -18.59 -31.94
N GLU A 178 -16.35 -18.01 -33.12
CA GLU A 178 -17.42 -17.38 -33.88
C GLU A 178 -18.50 -18.38 -34.30
N PRO A 179 -19.77 -18.00 -34.23
CA PRO A 179 -20.87 -18.90 -34.60
C PRO A 179 -20.76 -19.33 -36.06
N GLN A 180 -20.61 -20.64 -36.29
CA GLN A 180 -20.56 -21.14 -37.65
C GLN A 180 -21.91 -20.98 -38.36
N ASN A 181 -21.86 -20.97 -39.69
CA ASN A 181 -23.03 -20.82 -40.55
C ASN A 181 -23.85 -19.55 -40.26
N MET A 182 -23.17 -18.45 -39.98
CA MET A 182 -23.86 -17.21 -39.65
C MET A 182 -24.83 -16.76 -40.75
N PRO A 183 -26.12 -16.63 -40.47
CA PRO A 183 -27.07 -16.15 -41.50
C PRO A 183 -26.67 -14.79 -42.05
N THR A 184 -26.93 -14.58 -43.34
CA THR A 184 -26.65 -13.28 -43.94
C THR A 184 -27.49 -12.19 -43.27
N ASP A 185 -26.99 -10.96 -43.34
CA ASP A 185 -27.59 -9.83 -42.63
C ASP A 185 -29.10 -9.74 -42.78
N ILE A 186 -29.65 -10.02 -43.95
CA ILE A 186 -31.09 -9.95 -44.14
C ILE A 186 -31.83 -11.14 -43.54
N GLU A 187 -31.13 -12.24 -43.31
CA GLU A 187 -31.71 -13.49 -42.81
C GLU A 187 -31.69 -13.65 -41.28
N LEU A 188 -30.96 -12.83 -40.53
CA LEU A 188 -30.94 -12.95 -39.07
C LEU A 188 -32.27 -12.55 -38.41
N GLU A 189 -32.64 -13.36 -37.42
CA GLU A 189 -33.83 -13.14 -36.58
C GLU A 189 -33.58 -11.98 -35.60
N PRO A 190 -34.61 -11.18 -35.31
CA PRO A 190 -34.40 -9.97 -34.49
C PRO A 190 -33.94 -10.17 -33.04
N VAL A 191 -34.56 -11.06 -32.28
CA VAL A 191 -34.30 -11.15 -30.83
C VAL A 191 -32.94 -11.77 -30.55
N THR A 192 -32.66 -12.92 -31.14
CA THR A 192 -31.36 -13.53 -30.91
C THR A 192 -30.23 -12.70 -31.51
N GLY A 193 -30.50 -11.91 -32.53
CA GLY A 193 -29.47 -11.10 -33.15
C GLY A 193 -28.83 -10.10 -32.20
N LYS A 194 -29.66 -9.24 -31.62
CA LYS A 194 -29.19 -8.23 -30.66
C LYS A 194 -28.63 -8.87 -29.40
N ALA A 195 -29.27 -9.93 -28.91
CA ALA A 195 -28.83 -10.59 -27.69
C ALA A 195 -27.42 -11.15 -27.81
N LEU A 196 -27.12 -11.83 -28.90
CA LEU A 196 -25.77 -12.34 -29.14
C LEU A 196 -24.76 -11.22 -29.37
N GLN A 197 -25.21 -10.06 -29.83
CA GLN A 197 -24.32 -8.91 -30.06
C GLN A 197 -23.90 -8.23 -28.75
N GLU A 198 -24.86 -7.91 -27.89
CA GLU A 198 -24.56 -7.30 -26.60
C GLU A 198 -23.72 -8.23 -25.73
N PHE A 199 -24.03 -9.51 -25.71
CA PHE A 199 -23.25 -10.48 -24.96
C PHE A 199 -21.77 -10.40 -25.33
N GLY A 200 -21.46 -10.33 -26.62
CA GLY A 200 -20.07 -10.15 -27.02
C GLY A 200 -19.49 -8.79 -26.63
N ARG A 201 -20.30 -7.73 -26.67
CA ARG A 201 -19.82 -6.40 -26.30
C ARG A 201 -19.44 -6.28 -24.82
N TYR A 202 -20.29 -6.76 -23.91
CA TYR A 202 -20.07 -6.64 -22.48
C TYR A 202 -19.31 -7.82 -21.87
N GLN A 203 -19.67 -9.04 -22.18
CA GLN A 203 -18.96 -10.20 -21.65
C GLN A 203 -17.58 -10.37 -22.23
N SER A 204 -17.11 -9.45 -23.07
CA SER A 204 -15.74 -9.49 -23.56
C SER A 204 -14.78 -8.76 -22.64
N VAL A 205 -15.27 -8.22 -21.52
CA VAL A 205 -14.45 -7.47 -20.58
C VAL A 205 -14.99 -7.74 -19.19
N VAL A 206 -14.10 -7.72 -18.19
CA VAL A 206 -14.48 -7.77 -16.78
C VAL A 206 -14.03 -6.49 -16.08
N TYR A 207 -14.97 -5.81 -15.43
CA TYR A 207 -14.72 -4.55 -14.78
C TYR A 207 -14.04 -4.69 -13.42
N ASN A 208 -13.23 -3.69 -13.07
CA ASN A 208 -12.66 -3.47 -11.74
C ASN A 208 -11.49 -4.37 -11.31
N LEU A 209 -10.74 -4.80 -12.18
CA LEU A 209 -9.53 -5.55 -11.85
C LEU A 209 -8.34 -4.61 -11.66
N PRO A 210 -7.34 -5.00 -10.87
CA PRO A 210 -6.14 -4.18 -10.72
C PRO A 210 -5.29 -4.00 -11.97
N LYS A 211 -5.31 -2.78 -12.50
CA LYS A 211 -4.59 -2.38 -13.70
C LYS A 211 -3.13 -2.08 -13.37
N MET A 212 -2.24 -2.36 -14.31
CA MET A 212 -0.81 -2.45 -14.00
C MET A 212 0.05 -1.85 -15.10
N VAL A 213 1.27 -1.51 -14.70
CA VAL A 213 2.35 -1.04 -15.56
C VAL A 213 3.52 -1.99 -15.39
N SER A 214 4.25 -2.24 -16.48
CA SER A 214 5.51 -2.98 -16.39
C SER A 214 6.72 -2.08 -16.53
N LEU A 215 7.63 -2.19 -15.57
CA LEU A 215 8.91 -1.50 -15.61
C LEU A 215 9.75 -1.94 -16.81
N LEU A 216 9.65 -3.21 -17.18
CA LEU A 216 10.54 -3.86 -18.13
C LEU A 216 10.20 -3.56 -19.58
N VAL A 217 9.12 -2.81 -19.83
CA VAL A 217 8.55 -2.65 -21.17
C VAL A 217 8.89 -1.28 -21.79
N GLU A 218 9.15 -0.27 -20.98
CA GLU A 218 9.37 1.08 -21.52
C GLU A 218 10.45 1.80 -20.75
N PRO A 219 11.18 2.71 -21.41
CA PRO A 219 12.24 3.44 -20.71
C PRO A 219 11.74 4.40 -19.65
N TRP A 220 10.56 4.98 -19.81
CA TRP A 220 10.05 5.96 -18.85
C TRP A 220 8.55 6.06 -19.00
N TYR A 221 7.94 6.74 -18.03
CA TYR A 221 6.49 6.99 -18.03
C TYR A 221 6.29 8.43 -17.56
N ALA A 222 5.99 9.33 -18.49
CA ALA A 222 5.73 10.70 -18.11
C ALA A 222 4.41 10.81 -17.36
N LEU A 223 4.46 11.43 -16.19
CA LEU A 223 3.26 11.65 -15.39
C LEU A 223 2.93 13.12 -15.58
N VAL A 224 1.74 13.41 -16.10
CA VAL A 224 1.38 14.79 -16.41
C VAL A 224 0.07 15.19 -15.75
N GLY A 225 0.15 16.12 -14.79
CA GLY A 225 -1.02 16.60 -14.11
C GLY A 225 -0.65 17.52 -12.97
N GLU A 226 -1.68 17.94 -12.25
CA GLU A 226 -1.50 18.78 -11.07
C GLU A 226 -0.83 18.01 -9.93
N ARG A 227 -0.18 18.76 -9.04
CA ARG A 227 0.83 18.17 -8.16
C ARG A 227 0.24 17.15 -7.19
N GLU A 228 -0.91 17.49 -6.61
CA GLU A 228 -1.60 16.59 -5.67
C GLU A 228 -1.90 15.23 -6.27
N GLN A 229 -2.22 15.17 -7.56
CA GLN A 229 -2.45 13.89 -8.23
C GLN A 229 -1.16 13.16 -8.55
N VAL A 230 -0.20 13.83 -9.17
CA VAL A 230 1.03 13.15 -9.55
C VAL A 230 1.74 12.59 -8.33
N LEU A 231 1.76 13.32 -7.24
CA LEU A 231 2.41 12.85 -6.01
C LEU A 231 1.57 11.83 -5.26
N GLY A 232 0.24 11.91 -5.39
CA GLY A 232 -0.63 10.82 -4.96
C GLY A 232 -0.33 9.47 -5.60
N LEU A 233 -0.29 9.43 -6.93
CA LEU A 233 0.07 8.20 -7.63
C LEU A 233 1.48 7.72 -7.29
N MET A 234 2.45 8.63 -7.31
CA MET A 234 3.85 8.22 -7.19
C MET A 234 4.16 7.54 -5.85
N ARG A 235 3.60 8.02 -4.74
CA ARG A 235 3.77 7.32 -3.47
C ARG A 235 3.03 5.98 -3.39
N ALA A 236 1.87 5.84 -4.02
CA ALA A 236 1.21 4.54 -4.11
C ALA A 236 2.06 3.52 -4.86
N ILE A 237 2.69 3.94 -5.95
CA ILE A 237 3.60 3.08 -6.70
C ILE A 237 4.78 2.65 -5.81
N ILE A 238 5.37 3.60 -5.12
CA ILE A 238 6.60 3.38 -4.35
C ILE A 238 6.38 2.33 -3.25
N CYS A 239 5.29 2.43 -2.51
CA CYS A 239 5.03 1.46 -1.44
C CYS A 239 4.49 0.12 -1.94
N GLN A 240 3.84 0.05 -3.11
CA GLN A 240 3.54 -1.26 -3.69
C GLN A 240 4.82 -2.00 -4.06
N LEU A 241 5.73 -1.34 -4.76
CA LEU A 241 7.04 -1.94 -5.00
C LEU A 241 7.68 -2.37 -3.69
N ALA A 242 7.62 -1.50 -2.67
CA ALA A 242 8.29 -1.78 -1.41
C ALA A 242 7.70 -2.97 -0.68
N PHE A 243 6.37 -3.12 -0.71
CA PHE A 243 5.76 -4.28 -0.06
C PHE A 243 6.01 -5.57 -0.83
N SER A 244 5.89 -5.53 -2.15
CA SER A 244 5.79 -6.73 -2.95
C SER A 244 7.14 -7.21 -3.45
N HIS A 245 8.11 -6.33 -3.59
CA HIS A 245 9.43 -6.69 -4.08
C HIS A 245 10.45 -6.36 -3.02
N GLY A 246 11.43 -7.24 -2.85
CA GLY A 246 12.46 -7.07 -1.86
C GLY A 246 13.48 -6.02 -2.23
N PRO A 247 14.27 -5.59 -1.25
CA PRO A 247 15.32 -4.60 -1.51
C PRO A 247 16.42 -5.06 -2.45
N ASP A 248 16.73 -6.36 -2.51
CA ASP A 248 17.74 -6.85 -3.44
C ASP A 248 17.23 -6.98 -4.87
N HIS A 249 15.96 -6.68 -5.11
CA HIS A 249 15.39 -6.71 -6.45
C HIS A 249 14.92 -5.35 -6.96
N VAL A 250 14.63 -4.40 -6.08
CA VAL A 250 14.27 -3.05 -6.48
C VAL A 250 15.03 -2.04 -5.61
N GLN A 251 15.71 -1.09 -6.25
CA GLN A 251 16.31 0.06 -5.59
C GLN A 251 15.74 1.35 -6.18
N MET A 252 15.63 2.39 -5.34
CA MET A 252 14.89 3.61 -5.68
C MET A 252 15.64 4.89 -5.37
N ILE A 253 15.57 5.87 -6.29
CA ILE A 253 16.27 7.15 -6.17
C ILE A 253 15.28 8.29 -6.43
N VAL A 254 15.43 9.39 -5.70
CA VAL A 254 14.79 10.67 -6.02
C VAL A 254 15.86 11.70 -6.34
N VAL A 255 15.69 12.43 -7.45
CA VAL A 255 16.25 13.76 -7.62
C VAL A 255 15.11 14.76 -7.54
N SER A 256 15.13 15.64 -6.52
CA SER A 256 14.04 16.58 -6.29
C SER A 256 14.56 17.84 -5.61
N SER A 257 13.87 18.96 -5.87
CA SER A 257 14.02 20.20 -5.13
C SER A 257 13.13 20.35 -3.90
N ASP A 258 11.90 19.82 -3.93
CA ASP A 258 11.01 19.83 -2.74
C ASP A 258 11.33 18.67 -1.80
N LEU A 259 12.48 18.79 -1.14
CA LEU A 259 12.88 17.82 -0.12
C LEU A 259 11.84 17.68 1.00
N ASP A 260 10.98 18.68 1.17
CA ASP A 260 9.85 18.66 2.10
C ASP A 260 8.72 17.72 1.70
N GLN A 261 8.76 17.12 0.53
CA GLN A 261 7.91 15.98 0.19
C GLN A 261 8.55 14.62 0.41
N TRP A 262 9.87 14.50 0.25
CA TRP A 262 10.61 13.25 0.30
C TRP A 262 11.25 12.95 1.68
N ASP A 263 10.74 13.57 2.74
CA ASP A 263 11.19 13.28 4.10
C ASP A 263 10.72 11.91 4.62
N TRP A 264 9.48 11.52 4.31
CA TRP A 264 8.93 10.23 4.75
C TRP A 264 9.74 9.05 4.24
N VAL A 265 10.39 9.21 3.10
CA VAL A 265 11.29 8.23 2.50
C VAL A 265 12.55 7.92 3.33
N LYS A 266 12.84 8.69 4.39
CA LYS A 266 13.96 8.30 5.26
C LYS A 266 13.94 6.81 5.57
N TRP A 267 12.78 6.29 5.96
CA TRP A 267 12.68 5.02 6.69
C TRP A 267 12.87 3.79 5.79
N LEU A 268 12.33 3.79 4.57
CA LEU A 268 12.25 2.56 3.77
C LEU A 268 13.61 2.00 3.36
N PRO A 269 13.80 0.69 3.46
CA PRO A 269 15.10 0.07 3.17
C PRO A 269 15.46 0.07 1.69
N HIS A 270 14.46 0.09 0.80
CA HIS A 270 14.65 0.13 -0.64
C HIS A 270 15.29 1.42 -1.11
N PHE A 271 15.15 2.50 -0.36
CA PHE A 271 15.88 3.74 -0.59
C PHE A 271 17.28 3.76 -0.01
N GLY A 272 17.79 2.63 0.47
CA GLY A 272 19.18 2.53 0.86
C GLY A 272 20.04 2.07 -0.30
N ASP A 273 21.30 1.79 -0.01
CA ASP A 273 22.19 1.25 -1.03
C ASP A 273 23.29 0.42 -0.40
N SER A 274 24.02 -0.28 -1.25
CA SER A 274 25.28 -0.94 -0.88
C SER A 274 26.34 0.08 -0.48
N MET A 285 19.90 9.10 0.01
CA MET A 285 19.81 8.91 -1.43
C MET A 285 18.54 9.60 -1.97
N VAL A 286 18.24 10.76 -1.40
CA VAL A 286 17.43 11.78 -2.04
C VAL A 286 18.38 12.92 -2.42
N TYR A 287 18.33 13.34 -3.68
CA TYR A 287 19.32 14.26 -4.24
C TYR A 287 18.67 15.53 -4.76
N THR A 288 19.45 16.62 -4.73
CA THR A 288 18.91 17.96 -4.86
C THR A 288 18.90 18.50 -6.29
N SER A 289 19.87 18.14 -7.13
CA SER A 289 19.88 18.63 -8.50
C SER A 289 20.73 17.71 -9.36
N VAL A 290 20.55 17.81 -10.69
CA VAL A 290 21.12 16.83 -11.60
C VAL A 290 22.63 16.83 -11.50
N ARG A 291 23.23 17.98 -11.27
CA ARG A 291 24.68 18.03 -11.14
C ARG A 291 25.14 17.16 -9.98
N GLU A 292 24.34 17.11 -8.90
CA GLU A 292 24.66 16.28 -7.75
C GLU A 292 24.46 14.80 -8.06
N PHE A 293 23.30 14.44 -8.60
CA PHE A 293 23.03 13.06 -8.98
C PHE A 293 24.08 12.54 -9.96
N ALA A 294 24.50 13.39 -10.89
CA ALA A 294 25.50 12.99 -11.87
C ALA A 294 26.78 12.49 -11.22
N ALA A 295 27.22 13.13 -10.13
CA ALA A 295 28.46 12.73 -9.49
C ALA A 295 28.37 11.41 -8.74
N GLU A 296 27.43 11.28 -7.81
CA GLU A 296 27.35 10.02 -7.08
C GLU A 296 26.67 8.89 -7.86
N GLN A 297 25.40 9.07 -8.21
CA GLN A 297 24.61 7.99 -8.82
C GLN A 297 24.91 7.74 -10.30
N ALA A 298 24.95 8.79 -11.12
CA ALA A 298 25.23 8.59 -12.54
C ALA A 298 26.59 7.97 -12.80
N GLU A 299 27.57 8.18 -11.92
CA GLU A 299 28.84 7.51 -12.12
C GLU A 299 28.66 5.99 -12.16
N LEU A 300 27.78 5.45 -11.31
CA LEU A 300 27.32 4.07 -11.45
C LEU A 300 26.44 3.86 -12.69
N PHE A 301 25.34 4.62 -12.78
CA PHE A 301 24.26 4.36 -13.73
C PHE A 301 24.55 4.74 -15.18
N ALA A 302 25.42 5.72 -15.43
CA ALA A 302 25.93 5.93 -16.78
C ALA A 302 26.67 4.72 -17.34
N GLY A 303 27.15 3.81 -16.50
CA GLY A 303 28.17 2.85 -16.91
C GLY A 303 27.87 2.07 -18.18
N ARG A 304 26.62 1.72 -18.46
CA ARG A 304 26.37 0.97 -19.70
C ARG A 304 24.94 1.11 -20.20
N GLY A 305 24.78 0.79 -21.50
CA GLY A 305 23.57 0.26 -22.09
C GLY A 305 22.65 1.29 -22.75
N SER A 306 21.56 0.74 -23.28
CA SER A 306 20.38 1.48 -23.71
C SER A 306 19.18 0.54 -23.58
N PHE A 307 17.98 1.11 -23.48
CA PHE A 307 16.84 0.28 -23.09
C PHE A 307 16.50 -0.79 -24.10
N THR A 308 16.03 -1.93 -23.55
CA THR A 308 15.85 -3.17 -24.32
C THR A 308 14.67 -3.93 -23.73
N PRO A 309 13.46 -3.77 -24.28
CA PRO A 309 12.26 -4.32 -23.63
C PRO A 309 12.36 -5.83 -23.41
N ARG A 310 12.21 -6.25 -22.16
CA ARG A 310 12.29 -7.64 -21.73
C ARG A 310 10.89 -8.23 -21.56
N HIS A 311 10.83 -9.44 -21.02
CA HIS A 311 9.60 -10.10 -20.63
C HIS A 311 9.94 -11.12 -19.54
N ALA A 312 8.90 -11.69 -18.95
CA ALA A 312 9.04 -12.62 -17.83
C ALA A 312 10.15 -13.64 -18.04
N SER A 313 10.18 -14.32 -19.19
CA SER A 313 11.22 -15.32 -19.42
C SER A 313 12.60 -14.69 -19.50
N SER A 314 12.70 -13.49 -20.09
CA SER A 314 13.96 -12.74 -20.10
C SER A 314 14.43 -12.36 -18.69
N SER A 315 13.50 -12.17 -17.76
CA SER A 315 13.82 -11.70 -16.41
C SER A 315 14.89 -12.52 -15.71
N ALA A 316 14.99 -13.81 -16.02
CA ALA A 316 16.06 -14.63 -15.45
C ALA A 316 17.46 -14.07 -15.68
N GLN A 317 17.69 -13.36 -16.78
CA GLN A 317 19.04 -12.94 -17.16
C GLN A 317 19.46 -11.56 -16.63
N THR A 318 18.55 -10.61 -16.49
CA THR A 318 18.94 -9.26 -16.06
C THR A 318 19.45 -9.23 -14.62
N PRO A 319 20.53 -8.48 -14.35
CA PRO A 319 21.11 -8.45 -13.00
C PRO A 319 20.16 -7.91 -11.95
N THR A 320 20.31 -8.39 -10.72
CA THR A 320 19.19 -8.44 -9.80
C THR A 320 18.55 -7.08 -9.48
N PRO A 321 19.27 -5.99 -9.19
CA PRO A 321 18.53 -4.80 -8.75
C PRO A 321 18.00 -4.03 -9.95
N HIS A 322 16.69 -3.96 -10.10
CA HIS A 322 16.13 -2.93 -10.97
C HIS A 322 16.19 -1.59 -10.27
N THR A 323 16.55 -0.53 -10.99
CA THR A 323 16.50 0.82 -10.44
C THR A 323 15.24 1.52 -10.93
N VAL A 324 14.52 2.18 -10.02
CA VAL A 324 13.54 3.19 -10.40
C VAL A 324 14.09 4.54 -9.99
N ILE A 325 14.13 5.49 -10.93
CA ILE A 325 14.61 6.85 -10.70
C ILE A 325 13.47 7.83 -10.91
N ILE A 326 13.34 8.80 -10.01
CA ILE A 326 12.26 9.77 -10.07
C ILE A 326 12.90 11.14 -10.32
N ALA A 327 12.51 11.79 -11.41
CA ALA A 327 13.01 13.12 -11.78
C ALA A 327 11.93 14.16 -11.51
N ASP A 328 12.27 15.15 -10.67
CA ASP A 328 11.31 16.09 -10.12
C ASP A 328 11.73 17.56 -10.27
N VAL A 329 12.82 17.86 -11.00
CA VAL A 329 13.53 19.14 -10.89
C VAL A 329 13.42 20.05 -12.11
N ASP A 330 13.08 19.53 -13.31
CA ASP A 330 13.02 20.33 -14.54
C ASP A 330 14.36 20.89 -15.02
N ASP A 331 15.47 20.27 -14.64
CA ASP A 331 16.80 20.71 -15.10
C ASP A 331 17.01 20.33 -16.57
N PRO A 332 17.61 21.20 -17.38
CA PRO A 332 17.92 20.84 -18.77
C PRO A 332 19.05 19.82 -18.90
N GLN A 333 19.84 19.62 -17.86
CA GLN A 333 20.94 18.65 -17.84
C GLN A 333 20.49 17.21 -18.04
N TRP A 334 19.18 16.94 -17.93
CA TRP A 334 18.59 15.62 -18.21
C TRP A 334 18.61 15.22 -19.69
N GLU A 335 18.85 16.16 -20.61
CA GLU A 335 18.87 15.84 -22.03
C GLU A 335 19.82 14.70 -22.41
N TYR A 336 20.95 14.56 -21.72
CA TYR A 336 21.94 13.54 -22.09
C TYR A 336 21.42 12.09 -21.99
N VAL A 337 20.89 11.66 -20.86
CA VAL A 337 20.36 10.29 -20.74
C VAL A 337 19.05 10.06 -21.51
N ILE A 338 18.21 11.08 -21.65
CA ILE A 338 16.91 10.92 -22.31
C ILE A 338 17.01 10.87 -23.83
N SER A 339 17.72 11.80 -24.46
CA SER A 339 17.86 11.68 -25.91
C SER A 339 18.66 10.44 -26.30
N ALA A 340 19.45 9.88 -25.40
CA ALA A 340 20.25 8.69 -25.67
C ALA A 340 19.43 7.41 -25.56
N GLU A 341 18.14 7.51 -25.25
CA GLU A 341 17.24 6.37 -25.11
C GLU A 341 17.56 5.47 -23.90
N GLY A 342 17.83 6.10 -22.75
CA GLY A 342 18.10 5.44 -21.49
C GLY A 342 19.28 4.48 -21.38
N VAL A 343 19.13 3.60 -20.38
CA VAL A 343 20.08 2.54 -20.04
C VAL A 343 19.24 1.36 -19.59
N ASP A 344 19.78 0.15 -19.73
CA ASP A 344 19.11 -0.98 -19.10
C ASP A 344 19.38 -0.98 -17.61
N GLY A 345 18.37 -1.41 -16.85
CA GLY A 345 18.42 -1.42 -15.41
C GLY A 345 17.84 -0.20 -14.73
N VAL A 346 17.05 0.61 -15.45
CA VAL A 346 16.57 1.90 -14.95
C VAL A 346 15.15 2.09 -15.46
N THR A 347 14.42 2.98 -14.80
CA THR A 347 13.10 3.39 -15.30
C THR A 347 12.75 4.72 -14.66
N PHE A 348 12.43 5.70 -15.50
CA PHE A 348 12.17 7.06 -15.04
C PHE A 348 10.68 7.35 -15.01
N PHE A 349 10.26 8.08 -13.99
CA PHE A 349 8.99 8.78 -13.99
C PHE A 349 9.34 10.26 -13.94
N ASP A 350 8.92 11.02 -14.94
CA ASP A 350 8.97 12.47 -14.86
C ASP A 350 7.75 13.00 -14.10
N LEU A 351 7.98 13.66 -12.98
CA LEU A 351 6.91 14.27 -12.21
C LEU A 351 6.60 15.70 -12.66
N THR A 352 7.46 16.30 -13.49
CA THR A 352 7.38 17.70 -13.90
C THR A 352 6.57 17.96 -15.16
N GLY A 353 6.67 17.10 -16.16
CA GLY A 353 6.00 17.33 -17.43
C GLY A 353 6.85 18.09 -18.43
N SER A 354 8.17 17.98 -18.29
CA SER A 354 9.11 18.66 -19.17
C SER A 354 8.99 18.10 -20.58
N SER A 355 9.23 18.96 -21.58
CA SER A 355 8.96 18.60 -22.97
C SER A 355 9.86 17.48 -23.49
N MET A 356 11.06 17.29 -22.92
CA MET A 356 11.91 16.21 -23.41
C MET A 356 11.31 14.83 -23.14
N TRP A 357 10.55 14.67 -22.07
CA TRP A 357 9.92 13.41 -21.69
C TRP A 357 8.57 13.15 -22.33
N THR A 358 7.79 14.21 -22.56
CA THR A 358 6.37 14.18 -22.90
C THR A 358 6.07 14.11 -24.40
N ASP A 359 7.06 13.84 -25.25
CA ASP A 359 6.88 13.81 -26.70
C ASP A 359 6.63 12.42 -27.29
N ILE A 360 6.25 11.42 -26.49
CA ILE A 360 6.04 10.06 -27.02
C ILE A 360 4.78 9.44 -26.42
N PRO A 361 3.69 9.31 -27.19
CA PRO A 361 2.41 8.86 -26.61
C PRO A 361 2.42 7.43 -26.05
N GLU A 362 3.29 6.56 -26.58
CA GLU A 362 3.49 5.21 -26.05
C GLU A 362 4.07 5.20 -24.63
N ARG A 363 4.50 6.36 -24.13
CA ARG A 363 5.24 6.49 -22.88
C ARG A 363 4.64 7.54 -21.95
N LYS A 364 3.38 7.91 -22.13
CA LYS A 364 2.77 9.02 -21.42
C LYS A 364 1.47 8.64 -20.75
N LEU A 365 1.37 9.00 -19.47
CA LEU A 365 0.19 8.84 -18.62
C LEU A 365 -0.36 10.24 -18.34
N GLN A 366 -1.58 10.48 -18.80
CA GLN A 366 -2.26 11.77 -18.72
C GLN A 366 -3.38 11.69 -17.69
N PHE A 367 -3.44 12.67 -16.79
CA PHE A 367 -4.42 12.67 -15.70
C PHE A 367 -5.57 13.64 -15.93
N ASP A 368 -6.79 13.12 -15.89
CA ASP A 368 -7.95 13.99 -15.85
C ASP A 368 -8.00 14.63 -14.47
N LYS A 369 -8.80 15.67 -14.31
CA LYS A 369 -8.90 16.26 -12.98
C LYS A 369 -9.38 15.25 -11.94
N THR A 370 -10.25 14.31 -12.33
CA THR A 370 -10.76 13.27 -11.44
C THR A 370 -9.79 12.11 -11.22
N GLY A 371 -8.55 12.21 -11.68
CA GLY A 371 -7.57 11.19 -11.41
C GLY A 371 -7.62 10.01 -12.35
N VAL A 372 -8.44 10.06 -13.38
CA VAL A 372 -8.48 9.02 -14.40
C VAL A 372 -7.27 9.18 -15.31
N ILE A 373 -6.49 8.11 -15.45
CA ILE A 373 -5.28 8.13 -16.25
C ILE A 373 -5.61 7.56 -17.62
N GLU A 374 -5.03 8.15 -18.67
CA GLU A 374 -5.08 7.64 -20.03
C GLU A 374 -3.71 7.36 -20.62
N ALA A 375 -3.65 6.34 -21.46
CA ALA A 375 -2.43 5.88 -22.10
C ALA A 375 -2.84 5.09 -23.34
N LEU A 376 -1.87 4.66 -24.13
CA LEU A 376 -2.15 3.75 -25.22
C LEU A 376 -2.49 2.35 -24.70
N PRO A 377 -3.38 1.64 -25.38
CA PRO A 377 -3.72 0.28 -24.96
C PRO A 377 -2.60 -0.72 -25.22
N ARG A 378 -2.41 -1.61 -24.27
CA ARG A 378 -1.38 -2.62 -24.26
C ARG A 378 -2.01 -4.01 -24.07
N ASP A 379 -1.33 -5.02 -24.64
CA ASP A 379 -1.80 -6.39 -24.59
C ASP A 379 -1.72 -7.01 -23.19
N ARG A 380 -2.77 -7.75 -22.83
CA ARG A 380 -2.81 -8.43 -21.52
C ARG A 380 -1.64 -9.39 -21.33
N ASP A 381 -1.24 -10.12 -22.37
CA ASP A 381 -0.24 -11.16 -22.19
C ASP A 381 1.18 -10.73 -22.51
N THR A 382 1.37 -9.76 -23.42
CA THR A 382 2.71 -9.36 -23.83
C THR A 382 3.02 -7.88 -23.58
N TRP A 383 2.04 -7.08 -23.17
CA TRP A 383 2.16 -5.64 -22.95
C TRP A 383 2.50 -4.86 -24.23
N MET A 384 2.52 -5.51 -25.39
CA MET A 384 2.82 -4.81 -26.63
C MET A 384 1.67 -3.88 -27.03
N VAL A 385 2.02 -2.74 -27.63
CA VAL A 385 1.04 -1.74 -27.98
C VAL A 385 0.20 -2.17 -29.16
N ILE A 386 -1.13 -2.07 -29.03
CA ILE A 386 -2.06 -2.54 -30.05
C ILE A 386 -2.68 -1.39 -30.84
N ASP A 387 -2.56 -0.15 -30.39
CA ASP A 387 -3.22 0.96 -31.04
C ASP A 387 -2.47 2.26 -30.77
N ASP A 388 -2.62 3.22 -31.67
CA ASP A 388 -1.93 4.50 -31.59
C ASP A 388 -2.80 5.64 -31.07
N LYS A 389 -4.05 5.38 -30.72
CA LYS A 389 -4.93 6.34 -30.07
C LYS A 389 -5.02 6.05 -28.57
N ALA A 390 -4.81 7.09 -27.75
CA ALA A 390 -4.88 6.99 -26.30
C ALA A 390 -6.31 6.89 -25.78
N TRP A 391 -6.47 6.16 -24.68
CA TRP A 391 -7.76 5.69 -24.21
C TRP A 391 -7.68 5.46 -22.69
N PHE A 392 -8.85 5.23 -22.08
CA PHE A 392 -8.93 4.94 -20.64
C PHE A 392 -7.96 3.86 -20.20
N PHE A 393 -7.36 4.05 -19.02
CA PHE A 393 -6.41 3.06 -18.49
C PHE A 393 -6.66 2.66 -17.04
N ALA A 394 -6.69 3.60 -16.09
CA ALA A 394 -6.87 3.26 -14.68
C ALA A 394 -7.45 4.43 -13.92
N LEU A 395 -8.30 4.15 -12.92
CA LEU A 395 -8.60 5.09 -11.85
C LEU A 395 -7.55 4.99 -10.75
N THR A 396 -6.83 6.08 -10.53
CA THR A 396 -5.70 6.13 -9.60
C THR A 396 -6.11 5.88 -8.16
N ASP A 397 -5.28 5.11 -7.44
CA ASP A 397 -5.32 5.03 -5.99
C ASP A 397 -4.05 5.66 -5.42
N GLN A 398 -4.17 6.36 -4.29
CA GLN A 398 -3.12 7.29 -3.86
C GLN A 398 -3.05 7.41 -2.34
N VAL A 399 -1.83 7.60 -1.83
CA VAL A 399 -1.56 7.68 -0.40
C VAL A 399 -0.88 9.00 -0.03
N SER A 400 -1.25 9.52 1.15
CA SER A 400 -0.72 10.76 1.71
C SER A 400 0.68 10.56 2.28
N ILE A 401 1.35 11.67 2.62
CA ILE A 401 2.68 11.64 3.22
C ILE A 401 2.66 10.95 4.58
N ALA A 402 1.59 11.18 5.35
CA ALA A 402 1.37 10.49 6.61
C ALA A 402 1.24 8.98 6.46
N GLU A 403 0.32 8.53 5.61
CA GLU A 403 0.14 7.10 5.36
C GLU A 403 1.39 6.44 4.82
N ALA A 404 2.13 7.14 3.96
CA ALA A 404 3.38 6.59 3.47
C ALA A 404 4.37 6.36 4.62
N GLU A 405 4.52 7.36 5.49
CA GLU A 405 5.45 7.25 6.60
C GLU A 405 5.01 6.21 7.63
N GLU A 406 3.70 6.09 7.85
CA GLU A 406 3.18 5.01 8.68
C GLU A 406 3.56 3.64 8.14
N PHE A 407 3.29 3.38 6.86
CA PHE A 407 3.81 2.17 6.21
C PHE A 407 5.33 2.09 6.24
N ALA A 408 6.01 3.23 6.05
CA ALA A 408 7.47 3.23 5.91
C ALA A 408 8.18 2.78 7.18
N GLN A 409 7.69 3.20 8.34
CA GLN A 409 8.25 2.79 9.63
C GLN A 409 8.07 1.30 9.90
N LYS A 410 6.84 0.80 9.73
CA LYS A 410 6.58 -0.64 9.84
C LYS A 410 7.53 -1.49 9.00
N LEU A 411 7.85 -1.09 7.78
CA LEU A 411 8.80 -1.87 7.00
C LEU A 411 10.24 -1.69 7.48
N ALA A 412 10.55 -0.58 8.14
CA ALA A 412 11.94 -0.23 8.47
C ALA A 412 12.50 -1.20 9.49
N GLN A 413 11.60 -1.90 10.18
CA GLN A 413 11.84 -2.92 11.20
C GLN A 413 12.59 -4.16 10.73
N TRP A 414 12.58 -4.49 9.42
CA TRP A 414 12.90 -5.83 8.93
C TRP A 414 14.16 -5.85 8.08
N ARG A 415 14.88 -6.98 8.17
CA ARG A 415 16.04 -7.22 7.33
C ARG A 415 16.15 -8.72 7.00
N LEU A 416 16.99 -8.99 6.01
CA LEU A 416 17.22 -10.34 5.47
C LEU A 416 17.25 -11.42 6.53
N GLN B 19 26.20 0.51 16.82
CA GLN B 19 24.81 0.07 16.94
C GLN B 19 23.90 1.26 17.19
N ALA B 20 22.74 1.27 16.56
CA ALA B 20 21.81 2.38 16.73
C ALA B 20 20.39 1.90 16.46
N VAL B 21 19.43 2.68 16.90
CA VAL B 21 18.03 2.44 16.60
C VAL B 21 17.34 3.78 16.43
N VAL B 22 16.22 3.76 15.70
CA VAL B 22 15.54 4.98 15.28
C VAL B 22 14.07 4.85 15.65
N VAL B 23 13.50 5.92 16.18
CA VAL B 23 12.13 5.91 16.67
C VAL B 23 11.52 7.27 16.40
N GLY B 24 10.19 7.29 16.34
CA GLY B 24 9.46 8.53 16.50
C GLY B 24 9.36 8.87 17.98
N VAL B 25 10.04 9.90 18.43
CA VAL B 25 9.85 10.42 19.78
C VAL B 25 8.81 11.53 19.74
N MET B 26 7.66 11.27 20.34
CA MET B 26 6.61 12.27 20.36
C MET B 26 6.98 13.33 21.38
N ALA B 27 6.57 14.57 21.11
CA ALA B 27 6.70 15.65 22.08
C ALA B 27 5.46 16.52 21.99
N GLY B 28 5.56 17.72 22.55
CA GLY B 28 4.40 18.46 23.01
C GLY B 28 3.23 18.59 22.05
N GLU B 29 2.04 18.36 22.60
CA GLU B 29 0.76 18.42 21.90
C GLU B 29 0.69 17.52 20.67
N GLY B 30 1.60 16.56 20.55
CA GLY B 30 1.59 15.60 19.46
C GLY B 30 2.48 15.86 18.26
N VAL B 31 3.56 16.64 18.41
CA VAL B 31 4.50 16.77 17.31
C VAL B 31 5.23 15.46 17.15
N GLN B 32 5.13 14.83 15.97
CA GLN B 32 6.02 13.72 15.70
C GLN B 32 7.41 14.27 15.43
N ILE B 33 8.38 13.71 16.11
CA ILE B 33 9.80 13.95 15.84
C ILE B 33 10.44 12.58 15.68
N GLY B 34 11.45 12.49 14.83
CA GLY B 34 12.24 11.28 14.68
C GLY B 34 13.62 11.52 15.26
N VAL B 35 14.17 10.50 15.92
CA VAL B 35 15.47 10.63 16.56
C VAL B 35 16.31 9.37 16.36
N LEU B 36 17.61 9.56 16.48
CA LEU B 36 18.61 8.49 16.48
C LEU B 36 19.13 8.27 17.90
N LEU B 37 19.04 7.03 18.40
CA LEU B 37 19.41 6.70 19.77
C LEU B 37 20.38 5.53 19.78
N ASP B 38 21.16 5.41 20.85
CA ASP B 38 22.05 4.27 20.99
C ASP B 38 21.28 2.98 21.27
N ALA B 39 21.91 1.85 20.94
CA ALA B 39 21.28 0.55 21.12
C ALA B 39 21.40 0.00 22.54
N ASN B 40 22.59 0.10 23.13
CA ASN B 40 22.95 -0.65 24.33
C ASN B 40 23.04 0.13 25.63
N ALA B 41 23.33 1.42 25.60
CA ALA B 41 23.26 2.22 26.81
C ALA B 41 21.84 2.33 27.35
N PRO B 42 21.66 2.29 28.68
CA PRO B 42 20.33 2.22 29.26
C PRO B 42 19.58 3.54 29.21
N VAL B 43 18.26 3.43 29.35
CA VAL B 43 17.37 4.56 29.13
C VAL B 43 17.73 5.78 30.00
N SER B 44 18.07 5.54 31.27
CA SER B 44 18.36 6.67 32.16
C SER B 44 19.55 7.52 31.69
N VAL B 45 20.57 6.89 31.13
CA VAL B 45 21.78 7.65 30.76
C VAL B 45 21.61 8.49 29.52
N MET B 46 20.49 8.33 28.78
CA MET B 46 20.20 9.17 27.62
C MET B 46 18.99 10.09 27.75
N THR B 47 18.10 9.89 28.73
CA THR B 47 16.84 10.64 28.74
C THR B 47 17.02 12.11 29.06
N ASP B 48 18.16 12.49 29.63
CA ASP B 48 18.48 13.92 29.79
C ASP B 48 18.87 14.55 28.45
N PRO B 49 19.92 14.12 27.77
CA PRO B 49 20.35 14.82 26.54
C PRO B 49 19.33 14.79 25.43
N LEU B 50 18.59 13.71 25.29
CA LEU B 50 17.53 13.62 24.29
C LEU B 50 16.53 14.76 24.47
N LEU B 51 16.33 15.20 25.70
CA LEU B 51 15.38 16.28 26.00
C LEU B 51 15.86 17.63 25.47
N LYS B 52 17.17 17.82 25.35
CA LYS B 52 17.70 19.02 24.70
C LYS B 52 17.31 19.10 23.23
N VAL B 53 17.62 18.06 22.45
CA VAL B 53 17.44 18.08 21.01
C VAL B 53 15.97 18.14 20.62
N VAL B 54 15.10 17.48 21.37
CA VAL B 54 13.66 17.67 21.18
C VAL B 54 13.24 19.12 21.48
N ASN B 55 13.88 19.76 22.47
CA ASN B 55 13.61 21.17 22.77
C ASN B 55 14.24 22.12 21.74
N SER B 56 15.48 21.85 21.33
CA SER B 56 16.13 22.60 20.26
C SER B 56 15.32 22.61 18.96
N ARG B 57 14.80 21.46 18.54
CA ARG B 57 13.90 21.42 17.38
C ARG B 57 12.57 22.13 17.65
N LEU B 58 11.98 21.96 18.81
CA LEU B 58 10.60 22.41 19.03
C LEU B 58 10.46 23.90 18.72
N ARG B 59 11.47 24.70 19.10
CA ARG B 59 11.49 26.13 18.81
C ARG B 59 11.49 26.46 17.32
N GLU B 60 12.10 25.62 16.48
CA GLU B 60 12.12 25.88 15.04
C GLU B 60 10.77 25.64 14.39
N LEU B 61 9.99 24.70 14.90
CA LEU B 61 8.60 24.62 14.50
C LEU B 61 7.80 25.76 15.09
N GLY B 62 8.36 26.49 16.04
CA GLY B 62 7.65 27.50 16.79
C GLY B 62 6.83 26.95 17.93
N GLU B 63 7.14 25.76 18.41
CA GLU B 63 6.48 25.21 19.58
C GLU B 63 7.27 25.58 20.83
N ALA B 64 6.55 25.70 21.95
CA ALA B 64 7.22 25.83 23.23
C ALA B 64 8.00 24.57 23.57
N PRO B 65 9.20 24.68 24.14
CA PRO B 65 9.87 23.51 24.70
C PRO B 65 9.06 22.88 25.83
N LEU B 66 9.38 21.61 26.10
CA LEU B 66 8.68 20.84 27.13
C LEU B 66 8.86 21.50 28.50
N GLU B 67 7.73 21.74 29.19
CA GLU B 67 7.78 22.47 30.46
C GLU B 67 6.56 22.16 31.31
N ALA B 68 6.80 21.84 32.59
CA ALA B 68 5.77 21.50 33.56
C ALA B 68 6.34 21.74 34.96
N THR B 69 5.44 21.82 35.95
CA THR B 69 5.82 22.09 37.33
C THR B 69 5.22 21.07 38.30
N GLY B 70 5.90 20.95 39.43
CA GLY B 70 5.59 20.00 40.50
C GLY B 70 6.73 19.02 40.69
N ARG B 71 6.76 18.36 41.85
CA ARG B 71 7.81 17.38 42.12
C ARG B 71 7.68 16.20 41.17
N GLY B 72 8.76 15.89 40.47
CA GLY B 72 8.74 14.82 39.49
C GLY B 72 9.81 15.02 38.43
N ARG B 73 9.58 14.43 37.26
CA ARG B 73 10.65 14.29 36.29
C ARG B 73 10.09 13.98 34.90
N TRP B 74 11.02 13.93 33.94
CA TRP B 74 10.82 13.47 32.57
C TRP B 74 11.35 12.04 32.39
N ALA B 75 10.58 11.19 31.71
CA ALA B 75 11.15 9.94 31.17
C ALA B 75 10.37 9.47 29.96
N LEU B 76 10.94 8.45 29.29
CA LEU B 76 10.38 7.84 28.09
C LEU B 76 9.29 6.81 28.41
N CYS B 77 8.25 6.78 27.58
CA CYS B 77 7.05 6.00 27.85
C CYS B 77 6.56 5.28 26.59
N LEU B 78 5.82 4.20 26.82
CA LEU B 78 4.93 3.59 25.83
C LEU B 78 3.59 4.33 25.78
N VAL B 79 2.79 3.97 24.78
CA VAL B 79 1.54 4.67 24.48
C VAL B 79 0.47 4.57 25.55
N ASP B 80 0.58 3.66 26.52
CA ASP B 80 -0.42 3.54 27.56
C ASP B 80 -0.06 4.30 28.83
N GLY B 81 1.08 5.00 28.82
CA GLY B 81 1.58 5.70 29.98
C GLY B 81 2.64 4.95 30.75
N ALA B 82 2.91 3.70 30.41
CA ALA B 82 3.88 2.93 31.16
C ALA B 82 5.28 3.48 30.90
N PRO B 83 6.00 3.92 31.92
CA PRO B 83 7.43 4.21 31.73
C PRO B 83 8.23 2.95 31.49
N LEU B 84 9.30 3.10 30.73
CA LEU B 84 10.25 2.02 30.51
C LEU B 84 11.09 1.77 31.76
N ARG B 85 11.84 0.67 31.73
CA ARG B 85 12.83 0.37 32.76
C ARG B 85 14.01 1.31 32.63
N ALA B 86 14.45 1.87 33.76
CA ALA B 86 15.49 2.89 33.74
C ALA B 86 16.90 2.33 33.56
N THR B 87 17.09 1.02 33.74
CA THR B 87 18.44 0.46 33.90
C THR B 87 18.88 -0.42 32.73
N GLN B 88 18.09 -0.56 31.67
CA GLN B 88 18.36 -1.55 30.64
C GLN B 88 18.42 -0.91 29.25
N SER B 89 19.17 -1.55 28.35
CA SER B 89 19.17 -1.17 26.94
C SER B 89 17.76 -1.14 26.37
N LEU B 90 17.56 -0.26 25.39
CA LEU B 90 16.42 -0.38 24.48
C LEU B 90 16.43 -1.69 23.71
N THR B 91 17.58 -2.35 23.64
CA THR B 91 17.73 -3.68 23.05
C THR B 91 17.37 -4.79 24.03
N GLU B 92 17.28 -4.46 25.31
CA GLU B 92 16.86 -5.43 26.32
C GLU B 92 15.35 -5.38 26.54
N GLN B 93 14.76 -4.19 26.57
CA GLN B 93 13.38 -4.10 26.13
C GLN B 93 13.36 -4.39 24.63
N ASP B 94 12.16 -4.56 24.06
CA ASP B 94 11.99 -4.77 22.62
C ASP B 94 11.70 -3.48 21.88
N VAL B 95 12.73 -2.67 21.67
CA VAL B 95 12.63 -1.52 20.75
C VAL B 95 13.54 -1.72 19.55
N TYR B 96 12.96 -1.50 18.36
CA TYR B 96 13.58 -1.74 17.06
C TYR B 96 13.16 -0.62 16.11
N ASP B 97 13.85 -0.51 14.98
CA ASP B 97 13.70 0.66 14.12
C ASP B 97 12.24 0.89 13.75
N GLY B 98 11.80 2.14 13.88
CA GLY B 98 10.48 2.55 13.49
C GLY B 98 9.41 2.47 14.55
N ASP B 99 9.79 2.18 15.79
CA ASP B 99 8.91 2.26 16.95
C ASP B 99 8.56 3.72 17.29
N ARG B 100 7.49 3.90 18.05
CA ARG B 100 7.09 5.20 18.57
C ARG B 100 6.98 5.22 20.11
N LEU B 101 7.47 6.32 20.70
CA LEU B 101 7.60 6.50 22.13
C LEU B 101 7.18 7.92 22.53
N TRP B 102 6.82 8.10 23.79
CA TRP B 102 6.43 9.39 24.34
C TRP B 102 7.46 9.86 25.36
N ILE B 103 7.63 11.19 25.42
CA ILE B 103 8.29 11.89 26.53
C ILE B 103 7.24 12.61 27.34
N ARG B 104 7.24 12.36 28.66
CA ARG B 104 6.08 12.58 29.52
C ARG B 104 6.54 13.04 30.91
N PHE B 105 5.64 13.77 31.60
CA PHE B 105 5.90 14.33 32.93
C PHE B 105 5.26 13.47 34.03
N ILE B 106 6.11 12.84 34.84
CA ILE B 106 5.71 11.86 35.84
C ILE B 106 5.70 12.55 37.20
N ALA B 107 4.56 13.15 37.56
CA ALA B 107 4.45 13.81 38.85
C ALA B 107 4.41 12.77 39.98
N ASP B 108 4.73 13.24 41.19
CA ASP B 108 4.73 12.36 42.35
C ASP B 108 3.37 11.68 42.57
N THR B 109 2.29 12.37 42.25
CA THR B 109 0.94 11.82 42.38
C THR B 109 0.68 10.57 41.55
N GLU B 110 1.49 10.28 40.54
CA GLU B 110 1.18 9.21 39.58
C GLU B 110 1.11 7.80 40.19
N ARG B 111 -0.06 7.17 40.03
CA ARG B 111 -0.37 5.79 40.40
C ARG B 111 -1.18 5.17 39.26
N ARG B 112 -0.84 3.93 38.87
CA ARG B 112 -1.42 3.30 37.68
C ARG B 112 -2.16 2.00 38.01
N SER B 113 -3.24 1.76 37.25
CA SER B 113 -4.21 0.69 37.53
C SER B 113 -3.64 -0.73 37.47
N GLN B 114 -3.00 -1.11 36.35
CA GLN B 114 -2.37 -2.44 36.25
C GLN B 114 -3.34 -3.61 36.51
N VAL B 115 -4.65 -3.39 36.45
CA VAL B 115 -5.68 -4.42 36.65
C VAL B 115 -6.43 -4.66 35.34
N ILE B 116 -6.46 -5.93 34.90
CA ILE B 116 -7.06 -6.38 33.64
C ILE B 116 -8.14 -7.42 33.92
N GLU B 117 -9.20 -7.39 33.10
CA GLU B 117 -10.42 -8.16 33.30
C GLU B 117 -10.89 -8.79 31.99
N HIS B 118 -11.59 -9.93 32.12
CA HIS B 118 -12.07 -10.72 30.98
C HIS B 118 -13.58 -10.73 30.83
N ILE B 119 -14.07 -10.27 29.67
CA ILE B 119 -15.49 -10.44 29.32
C ILE B 119 -15.59 -10.54 27.81
N SER B 120 -16.61 -11.24 27.33
CA SER B 120 -16.81 -11.40 25.89
C SER B 120 -16.87 -10.06 25.17
N THR B 121 -15.88 -9.82 24.30
CA THR B 121 -15.82 -8.56 23.57
C THR B 121 -17.03 -8.38 22.67
N ALA B 122 -17.63 -9.48 22.24
CA ALA B 122 -18.86 -9.48 21.42
C ALA B 122 -20.10 -8.98 22.15
N VAL B 123 -20.20 -9.11 23.46
CA VAL B 123 -21.40 -8.66 24.18
C VAL B 123 -21.30 -7.22 24.65
N ALA B 124 -20.11 -6.78 25.08
CA ALA B 124 -19.96 -5.39 25.51
C ALA B 124 -20.33 -4.46 24.36
N SER B 125 -19.69 -4.67 23.21
CA SER B 125 -19.94 -3.86 22.02
C SER B 125 -21.42 -3.85 21.65
N ASP B 126 -22.05 -5.02 21.65
CA ASP B 126 -23.47 -5.10 21.32
C ASP B 126 -24.36 -4.52 22.43
N LEU B 127 -24.00 -4.71 23.70
CA LEU B 127 -24.82 -4.16 24.79
C LEU B 127 -24.93 -2.64 24.72
N SER B 128 -23.99 -1.98 24.07
CA SER B 128 -24.07 -0.53 23.88
C SER B 128 -25.31 -0.14 23.10
N LYS B 129 -25.87 -1.06 22.32
CA LYS B 129 -27.05 -0.81 21.51
C LYS B 129 -28.19 -1.78 21.80
N ARG B 130 -27.91 -2.97 22.31
CA ARG B 130 -28.95 -3.94 22.63
C ARG B 130 -29.89 -3.35 23.68
N PRO C 18 -4.73 17.82 31.43
CA PRO C 18 -5.33 17.71 30.11
C PRO C 18 -4.39 17.10 29.07
N GLN C 19 -3.15 16.83 29.45
CA GLN C 19 -2.19 16.27 28.53
C GLN C 19 -2.37 14.77 28.29
N ALA C 20 -3.17 14.07 29.09
CA ALA C 20 -3.41 12.65 28.87
C ALA C 20 -4.82 12.29 29.30
N VAL C 21 -5.32 11.17 28.76
CA VAL C 21 -6.65 10.67 29.09
C VAL C 21 -6.56 9.17 29.35
N VAL C 22 -7.24 8.70 30.41
CA VAL C 22 -7.25 7.28 30.75
C VAL C 22 -8.48 6.62 30.16
N VAL C 23 -8.28 5.56 29.37
CA VAL C 23 -9.38 4.81 28.75
C VAL C 23 -9.08 3.32 28.77
N GLY C 24 -10.13 2.51 28.72
CA GLY C 24 -10.00 1.07 28.69
C GLY C 24 -9.98 0.57 27.26
N VAL C 25 -8.97 -0.23 26.91
CA VAL C 25 -8.86 -0.82 25.59
C VAL C 25 -9.23 -2.30 25.63
N MET C 26 -10.22 -2.68 24.83
CA MET C 26 -10.56 -4.10 24.66
C MET C 26 -9.64 -4.70 23.60
N ALA C 27 -9.34 -5.98 23.76
CA ALA C 27 -8.56 -6.67 22.75
C ALA C 27 -9.31 -7.94 22.39
N GLY C 28 -8.71 -8.81 21.59
CA GLY C 28 -9.41 -9.98 21.11
C GLY C 28 -10.04 -10.84 22.18
N GLU C 29 -11.29 -11.23 21.93
CA GLU C 29 -12.08 -12.13 22.77
C GLU C 29 -12.25 -11.65 24.22
N GLY C 30 -11.93 -10.39 24.53
CA GLY C 30 -12.24 -9.85 25.85
C GLY C 30 -11.34 -9.37 26.97
N VAL C 31 -10.03 -9.24 26.83
CA VAL C 31 -9.24 -8.62 27.90
C VAL C 31 -9.39 -7.10 27.81
N GLN C 32 -9.66 -6.45 28.94
CA GLN C 32 -9.60 -4.99 29.00
C GLN C 32 -8.34 -4.58 29.74
N ILE C 33 -7.61 -3.61 29.20
CA ILE C 33 -6.47 -3.02 29.87
C ILE C 33 -6.71 -1.51 29.97
N GLY C 34 -6.60 -0.97 31.18
CA GLY C 34 -6.76 0.47 31.36
C GLY C 34 -5.48 1.18 30.92
N VAL C 35 -5.62 2.15 30.01
CA VAL C 35 -4.47 2.87 29.46
C VAL C 35 -4.66 4.38 29.55
N LEU C 36 -3.53 5.08 29.69
CA LEU C 36 -3.43 6.54 29.77
C LEU C 36 -2.70 7.02 28.52
N LEU C 37 -3.46 7.57 27.57
CA LEU C 37 -3.02 7.99 26.25
C LEU C 37 -2.67 9.46 26.14
N ASP C 38 -1.85 9.77 25.11
CA ASP C 38 -1.57 11.16 24.73
C ASP C 38 -2.85 11.75 24.12
N ALA C 39 -3.33 12.84 24.70
CA ALA C 39 -4.60 13.39 24.27
C ALA C 39 -4.60 14.21 22.97
N ASN C 40 -3.46 14.55 22.37
CA ASN C 40 -3.53 15.40 21.19
C ASN C 40 -2.85 14.88 19.93
N ALA C 41 -1.98 13.87 20.02
CA ALA C 41 -1.48 13.24 18.80
C ALA C 41 -2.66 12.65 18.03
N PRO C 42 -2.53 12.47 16.71
CA PRO C 42 -3.63 11.85 15.98
C PRO C 42 -3.60 10.33 16.11
N VAL C 43 -4.81 9.77 16.12
CA VAL C 43 -5.00 8.36 16.49
C VAL C 43 -4.15 7.39 15.65
N SER C 44 -3.98 7.66 14.37
CA SER C 44 -3.21 6.73 13.57
C SER C 44 -1.75 6.61 14.01
N VAL C 45 -1.26 7.57 14.78
CA VAL C 45 0.08 7.50 15.32
C VAL C 45 0.25 6.43 16.40
N MET C 46 -0.86 6.00 17.02
CA MET C 46 -0.88 5.10 18.16
C MET C 46 -1.24 3.64 17.89
N THR C 47 -2.10 3.32 16.92
CA THR C 47 -2.69 1.98 16.84
C THR C 47 -1.69 0.86 16.63
N ASP C 48 -0.54 1.13 16.03
CA ASP C 48 0.47 0.07 15.90
C ASP C 48 1.19 -0.22 17.21
N PRO C 49 1.83 0.73 17.88
CA PRO C 49 2.48 0.42 19.16
C PRO C 49 1.51 -0.05 20.23
N LEU C 50 0.24 0.35 20.13
CA LEU C 50 -0.80 -0.14 21.02
C LEU C 50 -0.97 -1.65 20.88
N LEU C 51 -1.00 -2.15 19.64
CA LEU C 51 -1.15 -3.59 19.38
C LEU C 51 -0.01 -4.37 20.01
N LYS C 52 1.20 -3.81 20.01
CA LYS C 52 2.35 -4.43 20.64
C LYS C 52 2.09 -4.71 22.12
N VAL C 53 1.57 -3.72 22.85
CA VAL C 53 1.30 -3.84 24.28
C VAL C 53 0.20 -4.86 24.60
N VAL C 54 -0.95 -4.81 23.92
CA VAL C 54 -1.97 -5.82 24.21
C VAL C 54 -1.47 -7.23 23.94
N ASN C 55 -0.63 -7.41 22.93
CA ASN C 55 -0.10 -8.74 22.66
C ASN C 55 0.90 -9.17 23.74
N SER C 56 1.82 -8.27 24.12
CA SER C 56 2.78 -8.59 25.17
C SER C 56 2.09 -9.03 26.46
N ARG C 57 1.00 -8.37 26.83
CA ARG C 57 0.27 -8.74 28.04
C ARG C 57 -0.52 -10.04 27.90
N LEU C 58 -1.17 -10.29 26.77
CA LEU C 58 -1.89 -11.55 26.60
C LEU C 58 -0.95 -12.75 26.59
N ARG C 59 0.24 -12.59 26.00
CA ARG C 59 1.19 -13.69 25.95
C ARG C 59 1.62 -14.17 27.34
N GLU C 60 1.89 -13.23 28.26
CA GLU C 60 2.26 -13.65 29.61
C GLU C 60 1.06 -14.25 30.33
N LEU C 61 -0.09 -13.59 30.24
CA LEU C 61 -1.33 -14.04 30.87
C LEU C 61 -1.76 -15.43 30.42
N GLY C 62 -1.17 -15.98 29.35
CA GLY C 62 -1.49 -17.33 28.91
C GLY C 62 -2.57 -17.43 27.86
N GLU C 63 -2.97 -16.34 27.25
CA GLU C 63 -3.98 -16.32 26.19
C GLU C 63 -3.31 -16.47 24.82
N ALA C 64 -4.14 -16.56 23.77
CA ALA C 64 -3.68 -16.60 22.39
C ALA C 64 -3.71 -15.21 21.79
N PRO C 65 -2.62 -14.76 21.15
CA PRO C 65 -2.57 -13.38 20.64
C PRO C 65 -3.50 -13.12 19.46
N LEU C 66 -3.61 -11.82 19.18
CA LEU C 66 -4.37 -11.28 18.05
C LEU C 66 -3.60 -11.41 16.74
N GLU C 67 -4.29 -11.76 15.65
CA GLU C 67 -3.63 -11.91 14.37
C GLU C 67 -4.54 -11.54 13.21
N ALA C 68 -3.89 -11.18 12.10
CA ALA C 68 -4.49 -10.80 10.82
C ALA C 68 -4.82 -12.01 9.97
N THR C 69 -5.78 -11.82 9.05
CA THR C 69 -6.24 -12.87 8.14
C THR C 69 -6.40 -12.29 6.74
N GLY C 70 -5.45 -12.62 5.85
CA GLY C 70 -5.52 -12.17 4.48
C GLY C 70 -5.34 -10.69 4.23
N ARG C 71 -6.38 -10.02 3.75
CA ARG C 71 -6.34 -8.62 3.41
C ARG C 71 -7.26 -7.79 4.30
N GLY C 72 -6.68 -6.77 4.93
CA GLY C 72 -7.42 -5.88 5.78
C GLY C 72 -6.50 -4.89 6.48
N ARG C 73 -7.06 -4.16 7.44
CA ARG C 73 -6.32 -3.18 8.22
C ARG C 73 -6.69 -3.24 9.69
N TRP C 74 -5.79 -2.74 10.53
CA TRP C 74 -6.04 -2.57 11.96
C TRP C 74 -6.61 -1.20 12.24
N ALA C 75 -7.68 -1.17 13.04
CA ALA C 75 -8.34 0.06 13.41
C ALA C 75 -8.54 0.11 14.91
N LEU C 76 -8.60 1.33 15.45
CA LEU C 76 -8.90 1.58 16.85
C LEU C 76 -10.27 2.21 16.78
N CYS C 77 -11.26 1.55 17.39
CA CYS C 77 -12.63 1.98 17.32
C CYS C 77 -13.25 2.20 18.69
N LEU C 78 -14.41 2.83 18.64
CA LEU C 78 -15.26 2.98 19.80
C LEU C 78 -15.83 1.62 20.16
N VAL C 79 -16.37 1.49 21.36
CA VAL C 79 -16.95 0.20 21.70
C VAL C 79 -18.09 -0.13 20.75
N ASP C 80 -18.66 0.88 20.07
CA ASP C 80 -19.70 0.66 19.10
C ASP C 80 -19.19 0.00 17.82
N GLY C 81 -17.87 -0.08 17.65
CA GLY C 81 -17.26 -0.66 16.49
C GLY C 81 -16.86 0.36 15.43
N ALA C 82 -17.53 1.51 15.37
CA ALA C 82 -17.20 2.54 14.40
C ALA C 82 -15.78 3.07 14.63
N PRO C 83 -14.90 3.03 13.64
CA PRO C 83 -13.54 3.54 13.86
C PRO C 83 -13.47 5.06 13.93
N LEU C 84 -12.43 5.53 14.62
CA LEU C 84 -12.16 6.94 14.79
C LEU C 84 -11.39 7.47 13.58
N ARG C 85 -11.58 8.75 13.26
CA ARG C 85 -10.86 9.32 12.13
C ARG C 85 -9.35 9.31 12.39
N ALA C 86 -8.63 8.60 11.53
CA ALA C 86 -7.21 8.36 11.67
C ALA C 86 -6.36 9.63 11.71
N THR C 87 -6.83 10.74 11.17
CA THR C 87 -6.03 11.96 11.11
C THR C 87 -6.24 12.95 12.25
N GLN C 88 -7.32 12.87 13.00
CA GLN C 88 -7.58 13.83 14.07
C GLN C 88 -7.00 13.41 15.43
N SER C 89 -6.83 14.43 16.28
CA SER C 89 -6.32 14.26 17.63
C SER C 89 -7.35 13.63 18.56
N LEU C 90 -6.86 12.91 19.57
CA LEU C 90 -7.77 12.23 20.49
C LEU C 90 -8.56 13.21 21.35
N THR C 91 -8.09 14.45 21.48
CA THR C 91 -8.86 15.52 22.12
C THR C 91 -9.83 16.17 21.14
N GLU C 92 -9.51 16.09 19.85
CA GLU C 92 -10.35 16.68 18.81
C GLU C 92 -11.55 15.80 18.58
N GLN C 93 -11.38 14.49 18.80
CA GLN C 93 -12.49 13.58 18.93
C GLN C 93 -12.97 13.65 20.38
N ASP C 94 -14.26 13.43 20.58
CA ASP C 94 -14.88 13.48 21.90
C ASP C 94 -14.64 12.23 22.75
N VAL C 95 -13.37 11.96 23.03
CA VAL C 95 -12.94 10.84 23.86
C VAL C 95 -12.39 11.44 25.15
N TYR C 96 -13.02 11.08 26.26
CA TYR C 96 -12.66 11.59 27.58
C TYR C 96 -12.04 10.52 28.46
N ASP C 97 -11.39 10.99 29.51
CA ASP C 97 -10.88 10.11 30.56
C ASP C 97 -12.02 9.27 31.12
N GLY C 98 -11.84 7.96 31.12
CA GLY C 98 -12.86 7.05 31.59
C GLY C 98 -13.62 6.32 30.49
N ASP C 99 -13.47 6.74 29.24
CA ASP C 99 -14.09 6.04 28.13
C ASP C 99 -13.28 4.77 27.86
N ARG C 100 -13.74 3.98 26.90
CA ARG C 100 -13.04 2.75 26.52
C ARG C 100 -13.05 2.59 25.00
N LEU C 101 -12.08 1.82 24.51
CA LEU C 101 -11.82 1.69 23.08
C LEU C 101 -11.56 0.22 22.73
N TRP C 102 -11.51 -0.04 21.42
CA TRP C 102 -11.33 -1.39 20.88
C TRP C 102 -10.34 -1.44 19.72
N ILE C 103 -9.36 -2.34 19.82
CA ILE C 103 -8.35 -2.57 18.79
C ILE C 103 -8.84 -3.78 17.98
N ARG C 104 -8.97 -3.61 16.67
CA ARG C 104 -9.70 -4.54 15.82
C ARG C 104 -9.22 -4.63 14.38
N PHE C 105 -9.37 -5.82 13.79
CA PHE C 105 -9.04 -6.05 12.39
C PHE C 105 -10.30 -5.95 11.53
N ILE C 106 -10.29 -5.10 10.50
CA ILE C 106 -11.41 -4.94 9.58
C ILE C 106 -10.98 -5.37 8.17
N ALA C 107 -11.70 -6.33 7.59
CA ALA C 107 -11.36 -6.93 6.30
C ALA C 107 -11.55 -6.02 5.06
N ASP C 108 -10.78 -6.34 4.02
CA ASP C 108 -10.80 -5.69 2.71
C ASP C 108 -12.03 -6.05 1.90
N THR C 109 -12.81 -5.06 1.47
CA THR C 109 -14.04 -5.27 0.72
C THR C 109 -13.93 -5.11 -0.80
N GLU C 110 -12.74 -4.87 -1.36
CA GLU C 110 -12.58 -4.72 -2.81
C GLU C 110 -12.72 -6.01 -3.61
N ARG C 111 -13.63 -6.02 -4.60
CA ARG C 111 -13.82 -7.20 -5.45
C ARG C 111 -14.39 -6.79 -6.82
N ARG C 112 -14.27 -7.70 -7.78
CA ARG C 112 -14.69 -7.43 -9.17
C ARG C 112 -16.17 -7.09 -9.26
N SER C 113 -16.53 -6.32 -10.28
CA SER C 113 -17.93 -5.99 -10.52
C SER C 113 -18.61 -7.05 -11.40
N GLN C 114 -19.90 -7.24 -11.18
CA GLN C 114 -20.69 -8.29 -11.83
C GLN C 114 -21.78 -7.68 -12.71
N VAL C 115 -21.83 -8.08 -13.98
CA VAL C 115 -22.74 -7.47 -14.96
C VAL C 115 -23.56 -8.53 -15.68
N ILE C 116 -24.87 -8.27 -15.80
CA ILE C 116 -25.87 -9.18 -16.36
C ILE C 116 -26.66 -8.37 -17.38
N GLU C 117 -26.72 -8.82 -18.63
CA GLU C 117 -27.17 -7.94 -19.69
C GLU C 117 -28.68 -7.73 -19.74
N HIS C 118 -29.47 -8.77 -19.52
CA HIS C 118 -30.90 -8.58 -19.70
C HIS C 118 -31.49 -7.64 -18.67
#